data_3KXH
#
_entry.id   3KXH
#
_cell.length_a   143.838
_cell.length_b   60.411
_cell.length_c   47.094
_cell.angle_alpha   90.00
_cell.angle_beta   103.93
_cell.angle_gamma   90.00
#
_symmetry.space_group_name_H-M   'C 1 2 1'
#
loop_
_entity.id
_entity.type
_entity.pdbx_description
1 polymer 'Casein kinase II subunit alpha'
2 non-polymer '[4,5,6,7-tetrabromo-2-(dimethylamino)-1H-benzimidazol-1-yl]acetic acid'
3 non-polymer DI(HYDROXYETHYL)ETHER
4 water water
#
_entity_poly.entity_id   1
_entity_poly.type   'polypeptide(L)'
_entity_poly.pdbx_seq_one_letter_code
;SKARVYADVNVLRPKEYWDYEALTVQWGEQDDYEVVRKVGRGKYSEVFEGINVNNNEKCIIKILKPVKKKKIKREIKILQ
NL(CSO)GGPNIVKLLDIVRDQHSKTPSLIFEYVNNTDFKVLYPTLTDYDIRYYIYELLKALDYCHSQGIMHRDVKPHNV
MIDHELRKLRLIDWGLAEFYHPGKEYNVRVASRYFKGPELLVDLQDYDYSLDMWSLGCMFAGMIFRKEPFFYGHDNHDQL
VKIAKVLGTDGLNVYLNKYRIELDPQLEALVGRHSRKPWLKFMNADNQHLVSPEAIDFLDKLLRYDHQERLTALEAMTHP
YFQQVRAAENS
;
_entity_poly.pdbx_strand_id   A
#
# COMPACT_ATOMS: atom_id res chain seq x y z
N SER A 1 -12.50 -10.46 -14.56
CA SER A 1 -11.42 -10.97 -13.66
C SER A 1 -12.01 -10.85 -12.30
N LYS A 2 -11.74 -11.82 -11.45
CA LYS A 2 -12.03 -11.68 -10.02
C LYS A 2 -10.87 -12.14 -9.15
N ALA A 3 -10.92 -11.64 -7.92
CA ALA A 3 -9.94 -12.06 -6.90
C ALA A 3 -9.91 -13.61 -6.76
N ARG A 4 -8.74 -14.18 -6.61
CA ARG A 4 -8.62 -15.65 -6.38
C ARG A 4 -8.81 -16.07 -4.91
N VAL A 5 -8.75 -15.11 -4.01
CA VAL A 5 -9.01 -15.28 -2.60
C VAL A 5 -9.93 -14.14 -2.07
N TYR A 6 -10.60 -14.41 -0.95
CA TYR A 6 -11.45 -13.47 -0.22
C TYR A 6 -12.40 -12.72 -1.18
N ALA A 7 -12.73 -13.35 -2.32
CA ALA A 7 -13.62 -12.73 -3.28
C ALA A 7 -15.03 -12.39 -2.64
N ASP A 8 -15.56 -13.23 -1.77
CA ASP A 8 -16.97 -13.05 -1.40
C ASP A 8 -17.13 -12.55 0.06
N VAL A 9 -16.06 -11.97 0.66
CA VAL A 9 -16.22 -11.54 1.99
C VAL A 9 -17.33 -10.51 2.14
N ASN A 10 -17.48 -9.55 1.23
CA ASN A 10 -18.46 -8.48 1.47
C ASN A 10 -19.81 -9.06 1.14
N VAL A 11 -19.83 -9.88 0.08
CA VAL A 11 -21.04 -10.47 -0.52
C VAL A 11 -21.87 -11.09 0.53
N LEU A 12 -21.27 -11.67 1.55
CA LEU A 12 -22.17 -12.25 2.52
C LEU A 12 -21.88 -12.09 3.99
N ARG A 13 -21.27 -10.96 4.34
CA ARG A 13 -21.38 -10.34 5.62
C ARG A 13 -22.63 -9.47 5.56
N PRO A 14 -23.11 -9.02 6.72
CA PRO A 14 -24.25 -8.11 6.71
C PRO A 14 -23.88 -6.75 6.09
N LYS A 15 -24.90 -6.16 5.48
CA LYS A 15 -24.75 -4.96 4.65
C LYS A 15 -24.06 -3.82 5.41
N GLU A 16 -24.27 -3.77 6.74
CA GLU A 16 -23.82 -2.66 7.54
C GLU A 16 -22.28 -2.57 7.54
N TYR A 17 -21.65 -3.73 7.40
CA TYR A 17 -20.19 -3.85 7.39
C TYR A 17 -19.56 -3.01 6.26
N TRP A 18 -20.16 -3.02 5.08
CA TRP A 18 -19.59 -2.37 3.86
C TRP A 18 -20.36 -1.15 3.29
N ASP A 19 -21.55 -0.88 3.82
CA ASP A 19 -22.34 0.29 3.41
C ASP A 19 -21.92 1.53 4.18
N TYR A 20 -20.75 2.07 3.86
CA TYR A 20 -20.15 3.12 4.65
C TYR A 20 -20.96 4.41 4.62
N GLU A 21 -21.70 4.65 3.55
CA GLU A 21 -22.59 5.83 3.47
C GLU A 21 -23.63 5.86 4.59
N ALA A 22 -24.02 4.70 5.15
CA ALA A 22 -24.96 4.67 6.32
C ALA A 22 -24.30 4.85 7.67
N LEU A 23 -22.98 5.05 7.69
CA LEU A 23 -22.35 5.33 8.95
C LEU A 23 -22.79 6.67 9.60
N THR A 24 -23.00 6.65 10.91
CA THR A 24 -23.23 7.91 11.66
C THR A 24 -22.02 8.09 12.61
N VAL A 25 -21.23 9.13 12.41
CA VAL A 25 -20.07 9.38 13.28
C VAL A 25 -20.45 9.71 14.76
N GLN A 26 -19.81 9.04 15.70
CA GLN A 26 -19.94 9.44 17.10
C GLN A 26 -18.75 10.34 17.47
N TRP A 27 -19.02 11.65 17.55
CA TRP A 27 -17.97 12.64 17.74
C TRP A 27 -17.48 12.70 19.18
N GLY A 28 -16.14 12.73 19.33
CA GLY A 28 -15.53 12.92 20.64
C GLY A 28 -15.36 14.40 21.00
N GLU A 29 -14.45 14.67 21.93
CA GLU A 29 -14.30 16.00 22.42
C GLU A 29 -12.99 16.59 21.91
N GLN A 30 -13.13 17.56 21.00
CA GLN A 30 -12.04 18.36 20.47
C GLN A 30 -11.02 18.87 21.50
N ASP A 31 -11.48 19.36 22.66
CA ASP A 31 -10.57 19.86 23.70
C ASP A 31 -9.71 18.81 24.38
N ASP A 32 -9.98 17.53 24.11
CA ASP A 32 -9.17 16.45 24.65
C ASP A 32 -7.77 16.36 24.03
N TYR A 33 -7.59 16.97 22.86
CA TYR A 33 -6.34 16.77 22.06
C TYR A 33 -5.71 18.06 21.67
N GLU A 34 -4.45 18.29 22.08
CA GLU A 34 -3.82 19.55 21.76
C GLU A 34 -2.66 19.31 20.78
N VAL A 35 -2.54 20.20 19.79
CA VAL A 35 -1.45 20.10 18.79
C VAL A 35 -0.07 20.47 19.42
N VAL A 36 0.93 19.65 19.20
CA VAL A 36 2.34 19.96 19.70
C VAL A 36 3.24 20.53 18.55
N ARG A 37 3.34 19.81 17.44
CA ARG A 37 4.11 20.30 16.26
C ARG A 37 3.63 19.57 15.02
N LYS A 38 3.87 20.22 13.86
CA LYS A 38 3.50 19.63 12.58
C LYS A 38 4.44 18.51 12.25
N VAL A 39 3.91 17.40 11.70
CA VAL A 39 4.81 16.28 11.33
C VAL A 39 4.71 15.83 9.88
N GLY A 40 3.58 16.16 9.22
CA GLY A 40 3.48 15.77 7.83
C GLY A 40 2.26 16.41 7.22
N ARG A 41 2.07 16.14 5.95
CA ARG A 41 0.96 16.77 5.24
C ARG A 41 0.74 16.02 3.95
N GLY A 42 -0.49 16.05 3.46
CA GLY A 42 -0.80 15.56 2.11
C GLY A 42 -1.79 16.47 1.41
N LYS A 43 -2.20 16.05 0.21
CA LYS A 43 -3.13 16.82 -0.56
C LYS A 43 -4.42 17.03 0.29
N TYR A 44 -4.72 16.09 1.18
CA TYR A 44 -5.97 16.12 1.93
C TYR A 44 -5.97 16.47 3.43
N SER A 45 -4.79 16.82 4.00
CA SER A 45 -4.74 16.94 5.41
C SER A 45 -3.39 17.60 5.79
N GLU A 46 -3.33 18.13 7.01
CA GLU A 46 -2.05 18.50 7.72
C GLU A 46 -2.03 17.57 8.99
N VAL A 47 -0.85 17.12 9.42
CA VAL A 47 -0.74 16.02 10.36
C VAL A 47 0.24 16.46 11.42
N PHE A 48 -0.22 16.28 12.68
CA PHE A 48 0.50 16.84 13.85
C PHE A 48 0.74 15.79 14.91
N GLU A 49 1.92 15.88 15.57
CA GLU A 49 2.03 15.17 16.79
C GLU A 49 1.13 15.94 17.78
N GLY A 50 0.35 15.21 18.59
CA GLY A 50 -0.44 15.83 19.64
C GLY A 50 -0.25 15.22 21.01
N ILE A 51 -0.99 15.82 21.96
CA ILE A 51 -1.11 15.26 23.30
C ILE A 51 -2.58 15.10 23.71
N ASN A 52 -2.86 13.96 24.31
CA ASN A 52 -4.17 13.69 24.92
C ASN A 52 -4.05 14.35 26.33
N VAL A 53 -4.84 15.40 26.59
CA VAL A 53 -4.70 16.16 27.83
C VAL A 53 -5.15 15.38 29.08
N ASN A 54 -6.00 14.36 28.89
CA ASN A 54 -6.34 13.48 30.02
C ASN A 54 -5.23 12.59 30.55
N ASN A 55 -4.50 11.88 29.69
CA ASN A 55 -3.51 10.93 30.21
C ASN A 55 -2.09 11.32 29.87
N ASN A 56 -1.96 12.49 29.22
CA ASN A 56 -0.70 13.05 28.75
C ASN A 56 0.07 12.16 27.72
N GLU A 57 -0.63 11.22 27.07
CA GLU A 57 0.00 10.33 26.08
C GLU A 57 0.06 11.04 24.73
N LYS A 58 1.03 10.65 23.89
CA LYS A 58 1.18 11.25 22.56
C LYS A 58 0.08 10.65 21.67
N CYS A 59 -0.26 11.39 20.62
CA CYS A 59 -1.17 10.89 19.57
C CYS A 59 -0.81 11.59 18.25
N ILE A 60 -1.49 11.24 17.18
CA ILE A 60 -1.33 11.91 15.93
C ILE A 60 -2.67 12.51 15.55
N ILE A 61 -2.64 13.78 15.14
CA ILE A 61 -3.87 14.49 14.77
C ILE A 61 -3.84 14.75 13.27
N LYS A 62 -4.92 14.31 12.56
CA LYS A 62 -4.92 14.51 11.14
C LYS A 62 -6.04 15.46 10.93
N ILE A 63 -5.71 16.69 10.60
CA ILE A 63 -6.69 17.72 10.38
C ILE A 63 -7.05 17.74 8.92
N LEU A 64 -8.32 17.43 8.60
CA LEU A 64 -8.69 17.29 7.25
C LEU A 64 -9.01 18.65 6.54
N LYS A 65 -8.59 18.77 5.29
CA LYS A 65 -8.97 19.88 4.45
C LYS A 65 -10.42 19.55 4.02
N PRO A 66 -11.19 20.56 3.53
CA PRO A 66 -12.60 20.25 3.22
C PRO A 66 -12.79 19.05 2.33
N VAL A 67 -13.65 18.14 2.76
CA VAL A 67 -13.79 16.88 2.07
C VAL A 67 -15.29 16.53 2.01
N LYS A 68 -15.69 15.86 0.94
CA LYS A 68 -17.08 15.38 0.77
C LYS A 68 -17.44 14.31 1.78
N LYS A 69 -18.69 14.35 2.23
CA LYS A 69 -19.16 13.42 3.26
C LYS A 69 -18.92 11.94 2.87
N LYS A 70 -19.23 11.57 1.62
CA LYS A 70 -19.03 10.18 1.11
C LYS A 70 -17.63 9.69 1.26
N LYS A 71 -16.70 10.53 0.83
CA LYS A 71 -15.29 10.20 0.90
C LYS A 71 -14.80 9.98 2.33
N ILE A 72 -15.08 10.93 3.21
CA ILE A 72 -14.63 10.76 4.57
C ILE A 72 -15.31 9.57 5.26
N LYS A 73 -16.61 9.26 4.98
CA LYS A 73 -17.12 8.17 5.64
C LYS A 73 -16.51 6.83 5.19
N ARG A 74 -16.06 6.72 3.95
CA ARG A 74 -15.47 5.52 3.44
C ARG A 74 -14.18 5.34 4.23
N GLU A 75 -13.47 6.41 4.44
CA GLU A 75 -12.12 6.31 5.15
C GLU A 75 -12.36 5.91 6.60
N ILE A 76 -13.32 6.54 7.27
CA ILE A 76 -13.61 6.21 8.66
C ILE A 76 -14.10 4.73 8.82
N LYS A 77 -15.10 4.33 8.00
CA LYS A 77 -15.66 3.05 8.18
C LYS A 77 -14.58 1.97 8.02
N ILE A 78 -13.71 2.14 7.02
CA ILE A 78 -12.55 1.21 6.75
C ILE A 78 -11.63 1.14 8.00
N LEU A 79 -11.25 2.31 8.51
CA LEU A 79 -10.41 2.35 9.71
C LEU A 79 -11.06 1.65 10.94
N GLN A 80 -12.39 1.83 11.08
CA GLN A 80 -13.12 1.25 12.19
C GLN A 80 -13.18 -0.28 12.00
N ASN A 81 -13.49 -0.76 10.76
CA ASN A 81 -13.49 -2.21 10.44
C ASN A 81 -12.19 -2.93 10.71
N LEU A 82 -11.11 -2.21 10.46
CA LEU A 82 -9.79 -2.81 10.57
C LEU A 82 -9.03 -2.53 11.88
N GLY A 84 -7.46 -2.73 15.37
CA GLY A 84 -7.17 -3.99 16.10
C GLY A 84 -6.45 -5.09 15.31
N GLY A 85 -6.52 -5.05 13.97
CA GLY A 85 -5.85 -5.96 13.01
C GLY A 85 -4.31 -5.78 13.12
N PRO A 86 -3.51 -6.81 12.82
CA PRO A 86 -2.02 -6.71 12.97
C PRO A 86 -1.47 -5.60 12.09
N ASN A 87 -0.70 -4.71 12.74
CA ASN A 87 -0.03 -3.63 12.00
C ASN A 87 -0.86 -2.62 11.21
N ILE A 88 -2.17 -2.57 11.49
CA ILE A 88 -2.98 -1.49 10.93
C ILE A 88 -2.93 -0.33 11.94
N VAL A 89 -2.62 0.90 11.47
CA VAL A 89 -2.76 2.13 12.32
C VAL A 89 -4.12 2.19 12.99
N LYS A 90 -4.13 2.42 14.31
CA LYS A 90 -5.41 2.48 15.08
C LYS A 90 -6.00 3.91 15.08
N LEU A 91 -7.25 4.04 14.61
CA LEU A 91 -8.02 5.30 14.70
C LEU A 91 -8.64 5.29 16.11
N LEU A 92 -8.25 6.24 16.96
CA LEU A 92 -8.70 6.21 18.35
C LEU A 92 -9.93 7.07 18.65
N ASP A 93 -10.10 8.12 17.87
CA ASP A 93 -11.15 9.16 18.10
C ASP A 93 -11.35 9.98 16.84
N ILE A 94 -12.47 10.70 16.77
CA ILE A 94 -12.82 11.47 15.62
C ILE A 94 -13.46 12.68 16.32
N VAL A 95 -12.97 13.88 16.02
CA VAL A 95 -13.50 15.12 16.65
C VAL A 95 -13.66 16.21 15.59
N ARG A 96 -14.25 17.35 15.97
CA ARG A 96 -14.43 18.42 15.01
C ARG A 96 -14.46 19.81 15.67
N ASP A 97 -14.09 20.82 14.92
CA ASP A 97 -14.19 22.20 15.39
C ASP A 97 -15.68 22.60 15.36
N GLN A 98 -16.20 23.22 16.43
CA GLN A 98 -17.65 23.64 16.46
C GLN A 98 -18.00 24.65 15.33
N HIS A 99 -17.20 25.73 15.23
CA HIS A 99 -17.54 26.84 14.30
C HIS A 99 -17.40 26.42 12.83
N SER A 100 -16.26 25.83 12.49
CA SER A 100 -16.01 25.50 11.07
C SER A 100 -16.50 24.12 10.67
N LYS A 101 -16.78 23.25 11.64
CA LYS A 101 -17.09 21.82 11.36
C LYS A 101 -15.87 21.04 10.76
N THR A 102 -14.70 21.66 10.73
CA THR A 102 -13.43 20.94 10.37
C THR A 102 -13.18 19.64 11.19
N PRO A 103 -13.21 18.45 10.54
CA PRO A 103 -12.96 17.20 11.29
C PRO A 103 -11.44 16.90 11.45
N SER A 104 -11.09 16.36 12.60
CA SER A 104 -9.82 15.71 12.81
C SER A 104 -9.91 14.22 13.23
N LEU A 105 -9.09 13.39 12.61
CA LEU A 105 -8.98 11.99 13.06
C LEU A 105 -7.79 11.86 13.99
N ILE A 106 -7.97 11.12 15.09
CA ILE A 106 -6.90 11.00 16.08
C ILE A 106 -6.43 9.55 16.03
N PHE A 107 -5.12 9.34 15.87
CA PHE A 107 -4.55 8.01 15.75
C PHE A 107 -3.54 7.75 16.85
N GLU A 108 -3.19 6.49 17.07
CA GLU A 108 -2.01 6.17 17.85
C GLU A 108 -0.79 6.92 17.26
N TYR A 109 0.15 7.23 18.15
CA TYR A 109 1.45 7.82 17.74
C TYR A 109 2.46 6.77 17.38
N VAL A 110 3.18 6.97 16.26
CA VAL A 110 4.33 6.13 15.92
C VAL A 110 5.50 7.09 15.75
N ASN A 111 6.59 6.86 16.44
CA ASN A 111 7.75 7.73 16.25
C ASN A 111 8.51 7.28 15.01
N ASN A 112 8.05 7.70 13.85
CA ASN A 112 8.56 7.23 12.53
C ASN A 112 9.96 7.78 12.24
N THR A 113 10.82 7.02 11.58
CA THR A 113 11.99 7.58 10.93
C THR A 113 11.79 7.54 9.42
N ASP A 114 11.82 8.73 8.79
CA ASP A 114 11.69 8.96 7.33
C ASP A 114 12.38 7.85 6.53
N PHE A 115 11.63 7.18 5.66
CA PHE A 115 12.22 6.02 4.94
C PHE A 115 13.47 6.36 4.16
N LYS A 116 13.64 7.64 3.72
CA LYS A 116 14.70 7.99 2.79
C LYS A 116 15.96 7.98 3.62
N VAL A 117 15.81 8.14 4.91
CA VAL A 117 16.99 8.12 5.86
C VAL A 117 17.13 6.73 6.52
N LEU A 118 16.01 6.06 6.78
CA LEU A 118 15.99 4.78 7.48
C LEU A 118 16.40 3.63 6.59
N TYR A 119 15.87 3.54 5.36
CA TYR A 119 16.03 2.31 4.59
C TYR A 119 17.52 2.00 4.31
N PRO A 120 18.32 3.01 3.94
CA PRO A 120 19.73 2.70 3.79
C PRO A 120 20.42 2.11 4.98
N THR A 121 19.86 2.23 6.17
CA THR A 121 20.47 1.65 7.39
C THR A 121 20.12 0.16 7.58
N LEU A 122 19.01 -0.33 7.00
CA LEU A 122 18.58 -1.66 7.35
C LEU A 122 19.47 -2.81 6.90
N THR A 123 19.56 -3.82 7.77
CA THR A 123 20.30 -5.06 7.45
C THR A 123 19.40 -5.90 6.49
N ASP A 124 19.98 -6.98 5.90
CA ASP A 124 19.21 -7.92 5.10
C ASP A 124 18.08 -8.46 5.97
N TYR A 125 18.38 -8.91 7.20
CA TYR A 125 17.36 -9.43 8.12
C TYR A 125 16.25 -8.39 8.39
N ASP A 126 16.62 -7.15 8.61
CA ASP A 126 15.57 -6.16 8.94
C ASP A 126 14.58 -5.93 7.77
N ILE A 127 15.08 -6.07 6.54
CA ILE A 127 14.34 -5.87 5.37
C ILE A 127 13.33 -7.02 5.35
N ARG A 128 13.84 -8.26 5.54
CA ARG A 128 12.86 -9.39 5.56
C ARG A 128 11.79 -9.20 6.69
N TYR A 129 12.23 -8.82 7.87
CA TYR A 129 11.34 -8.61 9.03
C TYR A 129 10.24 -7.54 8.76
N TYR A 130 10.65 -6.38 8.23
CA TYR A 130 9.66 -5.30 8.01
C TYR A 130 8.71 -5.66 6.88
N ILE A 131 9.25 -6.33 5.85
CA ILE A 131 8.35 -6.75 4.74
C ILE A 131 7.39 -7.77 5.24
N TYR A 132 7.83 -8.74 6.02
CA TYR A 132 6.86 -9.68 6.68
C TYR A 132 5.77 -8.98 7.51
N GLU A 133 6.17 -8.01 8.35
CA GLU A 133 5.18 -7.20 9.14
C GLU A 133 4.13 -6.45 8.25
N LEU A 134 4.59 -5.98 7.07
CA LEU A 134 3.74 -5.28 6.19
C LEU A 134 2.77 -6.32 5.61
N LEU A 135 3.30 -7.53 5.33
CA LEU A 135 2.44 -8.59 4.72
C LEU A 135 1.31 -8.97 5.61
N LYS A 136 1.61 -9.05 6.92
CA LYS A 136 0.57 -9.33 7.94
C LYS A 136 -0.62 -8.34 7.84
N ALA A 137 -0.25 -7.05 7.66
CA ALA A 137 -1.28 -6.02 7.50
C ALA A 137 -2.10 -6.19 6.20
N LEU A 138 -1.39 -6.50 5.09
CA LEU A 138 -2.09 -6.66 3.80
C LEU A 138 -2.96 -7.91 3.84
N ASP A 139 -2.43 -9.06 4.32
CA ASP A 139 -3.35 -10.27 4.39
C ASP A 139 -4.59 -9.97 5.25
N TYR A 140 -4.37 -9.38 6.42
CA TYR A 140 -5.50 -8.88 7.25
C TYR A 140 -6.51 -8.04 6.49
N CYS A 141 -6.05 -6.90 5.87
CA CYS A 141 -7.10 -6.06 5.24
C CYS A 141 -7.77 -6.77 4.08
N HIS A 142 -6.99 -7.53 3.31
CA HIS A 142 -7.57 -8.33 2.26
C HIS A 142 -8.60 -9.30 2.81
N SER A 143 -8.26 -10.02 3.86
CA SER A 143 -9.20 -11.00 4.50
C SER A 143 -10.51 -10.33 5.02
N GLN A 144 -10.43 -9.04 5.31
CA GLN A 144 -11.63 -8.23 5.72
C GLN A 144 -12.35 -7.52 4.50
N GLY A 145 -12.00 -7.95 3.27
CA GLY A 145 -12.58 -7.35 2.07
C GLY A 145 -12.23 -5.96 1.62
N ILE A 146 -10.98 -5.52 1.95
CA ILE A 146 -10.55 -4.16 1.66
C ILE A 146 -9.21 -4.18 0.90
N MET A 147 -9.14 -3.37 -0.17
CA MET A 147 -7.91 -3.06 -0.87
C MET A 147 -7.34 -1.79 -0.33
N HIS A 148 -6.04 -1.71 0.02
CA HIS A 148 -5.56 -0.44 0.44
C HIS A 148 -5.37 0.59 -0.69
N ARG A 149 -4.74 0.23 -1.82
CA ARG A 149 -4.63 1.04 -3.04
C ARG A 149 -3.66 2.19 -3.00
N ASP A 150 -2.81 2.13 -1.97
CA ASP A 150 -1.79 3.15 -1.96
C ASP A 150 -0.58 2.67 -1.17
N VAL A 151 -0.15 1.44 -1.45
CA VAL A 151 1.04 0.98 -0.72
C VAL A 151 2.29 1.67 -1.34
N LYS A 152 3.15 2.16 -0.43
CA LYS A 152 4.43 2.77 -0.81
C LYS A 152 5.12 3.08 0.51
N PRO A 153 6.41 3.35 0.45
CA PRO A 153 7.12 3.55 1.71
C PRO A 153 6.65 4.71 2.56
N HIS A 154 6.20 5.79 1.90
CA HIS A 154 5.67 6.98 2.58
C HIS A 154 4.48 6.64 3.48
N ASN A 155 3.78 5.53 3.15
CA ASN A 155 2.62 5.16 3.91
C ASN A 155 2.90 3.96 4.86
N VAL A 156 4.18 3.77 5.29
CA VAL A 156 4.47 2.67 6.17
C VAL A 156 5.39 3.34 7.24
N MET A 157 4.84 3.49 8.42
CA MET A 157 5.46 4.14 9.58
C MET A 157 6.21 3.05 10.34
N ILE A 158 7.49 3.31 10.71
CA ILE A 158 8.22 2.33 11.42
C ILE A 158 8.95 3.05 12.56
N ASP A 159 8.65 2.63 13.79
CA ASP A 159 9.51 2.93 15.01
C ASP A 159 10.57 1.87 15.07
N HIS A 160 11.78 2.22 14.62
CA HIS A 160 12.80 1.20 14.48
C HIS A 160 13.33 0.70 15.81
N GLU A 161 13.36 1.55 16.84
CA GLU A 161 13.77 1.06 18.18
C GLU A 161 12.81 0.04 18.76
N LEU A 162 11.51 0.26 18.61
CA LEU A 162 10.52 -0.72 19.03
C LEU A 162 10.24 -1.86 18.02
N ARG A 163 10.77 -1.69 16.79
CA ARG A 163 10.64 -2.57 15.59
C ARG A 163 9.14 -2.77 15.32
N LYS A 164 8.46 -1.66 15.38
CA LYS A 164 6.97 -1.59 15.18
C LYS A 164 6.67 -0.99 13.81
N LEU A 165 5.57 -1.45 13.13
CA LEU A 165 5.31 -1.02 11.82
C LEU A 165 3.80 -0.87 11.75
N ARG A 166 3.41 0.24 11.16
CA ARG A 166 1.96 0.53 10.90
C ARG A 166 1.79 0.95 9.44
N LEU A 167 0.73 0.37 8.81
CA LEU A 167 0.32 0.81 7.52
C LEU A 167 -0.70 1.94 7.69
N ILE A 168 -0.44 3.07 7.06
CA ILE A 168 -1.24 4.27 7.31
C ILE A 168 -1.86 4.71 5.97
N ASP A 169 -2.44 5.94 5.96
CA ASP A 169 -3.03 6.56 4.84
C ASP A 169 -4.04 5.68 4.06
N TRP A 170 -5.18 5.55 4.69
CA TRP A 170 -6.32 4.79 4.17
C TRP A 170 -7.28 5.63 3.32
N GLY A 171 -6.81 6.79 2.85
CA GLY A 171 -7.57 7.74 2.03
C GLY A 171 -8.01 7.20 0.67
N LEU A 172 -7.33 6.19 0.14
CA LEU A 172 -7.70 5.57 -1.13
C LEU A 172 -8.20 4.10 -1.00
N ALA A 173 -8.31 3.57 0.23
CA ALA A 173 -8.74 2.18 0.48
C ALA A 173 -10.22 2.07 0.03
N GLU A 174 -10.56 0.87 -0.37
CA GLU A 174 -11.94 0.63 -0.92
C GLU A 174 -12.37 -0.76 -0.61
N PHE A 175 -13.73 -0.98 -0.60
CA PHE A 175 -14.20 -2.36 -0.42
C PHE A 175 -14.21 -3.13 -1.75
N TYR A 176 -13.87 -4.41 -1.68
CA TYR A 176 -13.73 -5.26 -2.84
C TYR A 176 -15.12 -5.97 -3.06
N HIS A 177 -15.66 -5.77 -4.25
CA HIS A 177 -16.94 -6.47 -4.68
C HIS A 177 -16.67 -7.10 -6.04
N PRO A 178 -16.77 -8.44 -6.12
CA PRO A 178 -16.37 -9.08 -7.37
C PRO A 178 -17.08 -8.58 -8.64
N GLY A 179 -16.31 -8.30 -9.68
CA GLY A 179 -16.78 -7.81 -10.95
C GLY A 179 -17.00 -6.31 -11.04
N LYS A 180 -16.94 -5.60 -9.91
CA LYS A 180 -17.01 -4.13 -9.92
C LYS A 180 -15.88 -3.45 -10.70
N GLU A 181 -16.20 -2.39 -11.45
CA GLU A 181 -15.16 -1.67 -12.16
C GLU A 181 -14.77 -0.48 -11.34
N TYR A 182 -13.48 -0.41 -11.01
CA TYR A 182 -12.98 0.68 -10.19
C TYR A 182 -12.25 1.76 -10.99
N ASN A 183 -12.06 2.89 -10.36
CA ASN A 183 -11.34 3.99 -10.94
C ASN A 183 -9.87 3.59 -10.92
N VAL A 184 -9.18 3.81 -12.02
CA VAL A 184 -7.78 3.42 -12.09
C VAL A 184 -6.90 4.53 -11.58
N ARG A 185 -7.49 5.68 -11.26
CA ARG A 185 -6.63 6.78 -10.73
C ARG A 185 -6.44 6.63 -9.23
N VAL A 186 -5.62 5.61 -8.85
CA VAL A 186 -5.36 5.29 -7.49
C VAL A 186 -3.86 5.01 -7.45
N ALA A 187 -3.43 4.71 -6.28
CA ALA A 187 -2.01 4.53 -5.97
C ALA A 187 -1.20 5.74 -6.32
N SER A 188 0.09 5.67 -6.07
CA SER A 188 1.01 6.76 -6.39
C SER A 188 1.84 6.29 -7.64
N ARG A 189 2.18 7.19 -8.56
CA ARG A 189 2.69 6.77 -9.88
CA ARG A 189 2.70 6.79 -9.88
C ARG A 189 3.75 5.64 -9.91
N TYR A 190 4.89 5.84 -9.20
CA TYR A 190 5.90 4.79 -9.22
C TYR A 190 5.50 3.40 -8.72
N PHE A 191 4.28 3.28 -8.14
CA PHE A 191 3.83 2.05 -7.45
C PHE A 191 2.50 1.60 -8.13
N LYS A 192 2.16 2.24 -9.25
CA LYS A 192 0.88 1.78 -9.97
C LYS A 192 1.20 0.49 -10.74
N GLY A 193 0.24 -0.45 -10.65
CA GLY A 193 0.34 -1.74 -11.32
C GLY A 193 -0.09 -1.61 -12.76
N PRO A 194 0.35 -2.58 -13.58
CA PRO A 194 0.20 -2.48 -14.98
C PRO A 194 -1.31 -2.48 -15.27
N GLU A 195 -2.12 -3.09 -14.42
CA GLU A 195 -3.64 -3.05 -14.70
C GLU A 195 -4.19 -1.59 -14.62
N LEU A 196 -3.56 -0.76 -13.78
CA LEU A 196 -3.94 0.66 -13.73
C LEU A 196 -3.47 1.38 -14.97
N LEU A 197 -2.31 1.00 -15.51
CA LEU A 197 -1.71 1.69 -16.59
C LEU A 197 -2.29 1.33 -17.95
N VAL A 198 -3.07 0.24 -18.00
CA VAL A 198 -3.66 -0.21 -19.28
C VAL A 198 -5.17 -0.17 -19.16
N ASP A 199 -5.64 0.43 -18.09
CA ASP A 199 -7.10 0.69 -17.90
C ASP A 199 -7.90 -0.57 -17.77
N LEU A 200 -7.32 -1.54 -17.06
CA LEU A 200 -8.10 -2.69 -16.66
C LEU A 200 -8.74 -2.36 -15.31
N GLN A 201 -10.08 -2.19 -15.30
CA GLN A 201 -10.79 -1.64 -14.08
C GLN A 201 -11.31 -2.63 -13.05
N ASP A 202 -11.47 -3.91 -13.49
CA ASP A 202 -12.00 -4.89 -12.52
C ASP A 202 -10.85 -5.56 -11.79
N TYR A 203 -9.95 -4.75 -11.22
CA TYR A 203 -8.87 -5.29 -10.48
C TYR A 203 -9.29 -5.67 -9.00
N ASP A 204 -8.30 -6.02 -8.14
CA ASP A 204 -8.66 -6.56 -6.81
C ASP A 204 -7.43 -6.46 -5.92
N TYR A 205 -7.41 -7.24 -4.85
CA TYR A 205 -6.34 -7.17 -3.81
C TYR A 205 -5.02 -7.28 -4.40
N SER A 206 -4.85 -8.03 -5.51
CA SER A 206 -3.50 -8.17 -6.09
C SER A 206 -2.83 -6.88 -6.55
N LEU A 207 -3.59 -5.76 -6.72
CA LEU A 207 -2.93 -4.48 -7.01
C LEU A 207 -1.92 -4.18 -5.92
N ASP A 208 -2.30 -4.46 -4.65
CA ASP A 208 -1.43 -4.11 -3.49
C ASP A 208 -0.11 -4.87 -3.55
N MET A 209 -0.15 -6.11 -4.02
CA MET A 209 0.99 -6.97 -4.23
C MET A 209 2.04 -6.44 -5.29
N TRP A 210 1.55 -5.83 -6.36
CA TRP A 210 2.44 -5.13 -7.25
C TRP A 210 3.19 -3.99 -6.53
N SER A 211 2.41 -3.13 -5.84
CA SER A 211 2.98 -1.95 -5.13
C SER A 211 3.97 -2.46 -4.14
N LEU A 212 3.62 -3.51 -3.35
CA LEU A 212 4.63 -4.07 -2.39
C LEU A 212 5.89 -4.52 -3.16
N GLY A 213 5.71 -5.24 -4.28
CA GLY A 213 6.79 -5.60 -5.21
C GLY A 213 7.70 -4.41 -5.55
N CYS A 214 7.07 -3.27 -5.89
CA CYS A 214 7.92 -2.06 -6.26
C CYS A 214 8.70 -1.60 -5.06
N MET A 215 8.04 -1.53 -3.90
CA MET A 215 8.76 -1.13 -2.68
C MET A 215 9.89 -2.06 -2.37
N PHE A 216 9.63 -3.36 -2.42
CA PHE A 216 10.69 -4.37 -2.15
C PHE A 216 11.91 -4.29 -3.14
N ALA A 217 11.62 -4.13 -4.41
CA ALA A 217 12.69 -3.91 -5.46
C ALA A 217 13.56 -2.71 -5.09
N GLY A 218 12.88 -1.63 -4.67
CA GLY A 218 13.55 -0.40 -4.26
C GLY A 218 14.51 -0.61 -3.10
N MET A 219 14.04 -1.37 -2.09
CA MET A 219 14.83 -1.72 -0.88
C MET A 219 16.02 -2.62 -1.24
N ILE A 220 15.73 -3.75 -1.93
CA ILE A 220 16.90 -4.69 -2.10
C ILE A 220 17.94 -4.19 -3.13
N PHE A 221 17.53 -3.44 -4.16
CA PHE A 221 18.45 -2.91 -5.20
C PHE A 221 18.95 -1.50 -4.89
N ARG A 222 18.42 -0.89 -3.82
CA ARG A 222 18.77 0.50 -3.41
C ARG A 222 18.64 1.51 -4.58
N LYS A 223 17.45 1.50 -5.14
CA LYS A 223 17.10 2.29 -6.30
C LYS A 223 15.69 2.73 -6.02
N GLU A 224 15.56 3.96 -5.52
CA GLU A 224 14.27 4.53 -5.10
C GLU A 224 13.96 5.73 -5.97
N PRO A 225 12.84 5.67 -6.71
CA PRO A 225 11.91 4.49 -6.88
C PRO A 225 12.48 3.55 -7.93
N PHE A 226 12.10 2.27 -7.87
CA PHE A 226 12.61 1.35 -8.82
C PHE A 226 12.19 1.64 -10.30
N PHE A 227 10.89 1.82 -10.51
CA PHE A 227 10.35 2.25 -11.79
C PHE A 227 10.06 3.77 -11.76
N TYR A 228 10.97 4.54 -12.32
CA TYR A 228 10.96 6.02 -12.21
C TYR A 228 10.37 6.67 -13.46
N GLY A 229 9.04 6.60 -13.63
CA GLY A 229 8.39 7.18 -14.81
C GLY A 229 7.85 8.60 -14.50
N HIS A 230 7.68 9.48 -15.50
CA HIS A 230 7.29 10.86 -15.20
C HIS A 230 5.80 11.14 -15.26
N ASP A 231 5.08 10.33 -16.03
CA ASP A 231 3.61 10.41 -16.10
C ASP A 231 3.13 9.02 -16.34
N ASN A 232 1.83 8.81 -16.43
CA ASN A 232 1.43 7.43 -16.47
C ASN A 232 1.81 6.61 -17.69
N HIS A 233 2.01 7.26 -18.85
CA HIS A 233 2.42 6.53 -20.05
C HIS A 233 3.85 6.12 -19.88
N ASP A 234 4.68 7.09 -19.49
CA ASP A 234 6.08 6.84 -19.26
C ASP A 234 6.27 5.72 -18.16
N GLN A 235 5.42 5.70 -17.13
CA GLN A 235 5.47 4.61 -16.10
C GLN A 235 5.32 3.20 -16.65
N LEU A 236 4.31 2.98 -17.48
CA LEU A 236 4.30 1.70 -18.24
C LEU A 236 5.49 1.42 -19.15
N VAL A 237 6.04 2.42 -19.82
CA VAL A 237 7.29 2.26 -20.57
C VAL A 237 8.45 1.75 -19.68
N LYS A 238 8.57 2.35 -18.51
CA LYS A 238 9.69 2.00 -17.62
C LYS A 238 9.54 0.55 -17.13
N ILE A 239 8.27 0.07 -16.97
CA ILE A 239 8.04 -1.29 -16.53
C ILE A 239 8.38 -2.24 -17.73
N ALA A 240 7.90 -1.89 -18.93
CA ALA A 240 8.17 -2.73 -20.13
C ALA A 240 9.64 -2.85 -20.47
N LYS A 241 10.45 -1.84 -20.13
CA LYS A 241 11.91 -1.93 -20.30
C LYS A 241 12.61 -2.96 -19.43
N VAL A 242 11.97 -3.35 -18.30
CA VAL A 242 12.45 -4.40 -17.43
C VAL A 242 11.75 -5.75 -17.63
N LEU A 243 10.40 -5.75 -17.59
CA LEU A 243 9.72 -7.03 -17.76
C LEU A 243 9.70 -7.54 -19.19
N GLY A 244 9.90 -6.62 -20.14
CA GLY A 244 9.97 -6.92 -21.55
C GLY A 244 8.59 -6.95 -22.16
N THR A 245 8.53 -6.71 -23.45
CA THR A 245 7.22 -6.50 -24.12
C THR A 245 6.50 -7.78 -24.51
N ASP A 246 7.21 -8.89 -24.67
CA ASP A 246 6.51 -10.16 -24.98
C ASP A 246 5.46 -10.52 -23.90
N GLY A 247 5.89 -10.44 -22.63
CA GLY A 247 5.00 -10.68 -21.53
C GLY A 247 3.86 -9.68 -21.46
N LEU A 248 4.11 -8.42 -21.88
CA LEU A 248 3.06 -7.41 -21.89
C LEU A 248 1.98 -7.84 -22.89
N ASN A 249 2.44 -8.23 -24.08
CA ASN A 249 1.52 -8.71 -25.13
C ASN A 249 0.69 -9.93 -24.72
N VAL A 250 1.29 -10.93 -24.07
CA VAL A 250 0.48 -12.07 -23.51
C VAL A 250 -0.64 -11.60 -22.57
N TYR A 251 -0.29 -10.74 -21.63
CA TYR A 251 -1.26 -10.14 -20.71
C TYR A 251 -2.44 -9.39 -21.39
N LEU A 252 -2.10 -8.50 -22.34
CA LEU A 252 -3.12 -7.69 -22.98
C LEU A 252 -4.11 -8.62 -23.75
N ASN A 253 -3.55 -9.63 -24.41
CA ASN A 253 -4.32 -10.61 -25.21
C ASN A 253 -5.20 -11.50 -24.32
N LYS A 254 -4.60 -12.03 -23.24
CA LYS A 254 -5.39 -12.75 -22.23
C LYS A 254 -6.62 -11.97 -21.76
N TYR A 255 -6.43 -10.67 -21.47
CA TYR A 255 -7.55 -9.82 -21.01
C TYR A 255 -8.25 -8.97 -22.10
N ARG A 256 -7.95 -9.24 -23.38
CA ARG A 256 -8.64 -8.52 -24.47
C ARG A 256 -8.48 -7.00 -24.43
N ILE A 257 -7.27 -6.53 -24.11
CA ILE A 257 -7.06 -5.08 -24.01
C ILE A 257 -6.25 -4.56 -25.17
N GLU A 258 -6.63 -3.38 -25.66
CA GLU A 258 -5.94 -2.73 -26.76
C GLU A 258 -5.37 -1.47 -26.14
N LEU A 259 -4.07 -1.33 -26.18
CA LEU A 259 -3.44 -0.09 -25.77
C LEU A 259 -3.77 1.03 -26.76
N ASP A 260 -3.91 2.23 -26.23
CA ASP A 260 -3.93 3.42 -27.07
C ASP A 260 -2.77 3.47 -28.06
N PRO A 261 -3.08 3.83 -29.31
CA PRO A 261 -2.10 3.97 -30.36
C PRO A 261 -0.78 4.69 -29.97
N GLN A 262 -0.85 5.87 -29.33
CA GLN A 262 0.38 6.58 -29.01
C GLN A 262 1.14 5.91 -27.85
N LEU A 263 0.40 5.25 -26.95
CA LEU A 263 0.97 4.47 -25.87
C LEU A 263 1.73 3.26 -26.42
N GLU A 264 1.09 2.51 -27.33
CA GLU A 264 1.76 1.45 -28.12
C GLU A 264 3.08 1.95 -28.64
N ALA A 265 3.08 3.11 -29.28
CA ALA A 265 4.31 3.64 -29.83
C ALA A 265 5.37 4.00 -28.80
N LEU A 266 4.99 4.58 -27.66
CA LEU A 266 6.02 4.98 -26.66
C LEU A 266 6.63 3.72 -26.03
N VAL A 267 5.80 2.70 -25.90
CA VAL A 267 6.25 1.39 -25.35
C VAL A 267 7.26 0.61 -26.18
N GLY A 268 7.13 0.63 -27.52
CA GLY A 268 8.09 -0.03 -28.41
C GLY A 268 8.20 -1.53 -28.21
N ARG A 269 9.41 -2.03 -28.28
CA ARG A 269 9.70 -3.43 -28.19
C ARG A 269 10.94 -3.57 -27.35
N HIS A 270 10.91 -4.41 -26.30
CA HIS A 270 12.04 -4.57 -25.38
C HIS A 270 12.19 -6.00 -24.92
N SER A 271 13.45 -6.43 -24.82
CA SER A 271 13.79 -7.71 -24.22
C SER A 271 13.47 -7.66 -22.71
N ARG A 272 13.25 -8.83 -22.12
CA ARG A 272 13.18 -8.87 -20.69
C ARG A 272 14.62 -8.75 -20.13
N LYS A 273 14.81 -7.93 -19.12
CA LYS A 273 16.12 -7.78 -18.46
C LYS A 273 16.11 -8.69 -17.17
N PRO A 274 17.03 -9.67 -17.08
CA PRO A 274 17.19 -10.45 -15.84
C PRO A 274 17.37 -9.54 -14.61
N TRP A 275 16.85 -10.00 -13.45
CA TRP A 275 16.81 -9.19 -12.25
C TRP A 275 18.27 -8.97 -11.81
N LEU A 276 19.17 -9.89 -12.15
CA LEU A 276 20.65 -9.73 -11.75
C LEU A 276 21.28 -8.53 -12.42
N LYS A 277 20.63 -8.02 -13.46
CA LYS A 277 21.25 -6.90 -14.14
C LYS A 277 21.27 -5.63 -13.26
N PHE A 278 20.48 -5.62 -12.20
CA PHE A 278 20.42 -4.43 -11.31
C PHE A 278 21.35 -4.55 -10.13
N MET A 279 22.05 -5.67 -10.02
CA MET A 279 22.85 -5.87 -8.84
C MET A 279 24.12 -5.00 -9.03
N ASN A 280 24.66 -4.45 -7.96
CA ASN A 280 25.97 -3.75 -8.07
C ASN A 280 26.68 -3.91 -6.72
N ALA A 281 27.87 -3.34 -6.58
CA ALA A 281 28.57 -3.52 -5.32
C ALA A 281 27.87 -3.07 -4.07
N ASP A 282 27.13 -1.97 -4.13
CA ASP A 282 26.48 -1.37 -2.97
C ASP A 282 25.28 -2.19 -2.51
N ASN A 283 24.58 -2.81 -3.45
CA ASN A 283 23.39 -3.60 -3.07
C ASN A 283 23.56 -5.12 -3.01
N GLN A 284 24.71 -5.68 -3.41
CA GLN A 284 24.87 -7.14 -3.55
C GLN A 284 24.63 -7.91 -2.23
N HIS A 285 24.76 -7.27 -1.09
CA HIS A 285 24.46 -7.96 0.21
C HIS A 285 22.92 -8.14 0.37
N LEU A 286 22.16 -7.75 -0.66
CA LEU A 286 20.69 -7.81 -0.51
C LEU A 286 19.93 -8.60 -1.56
N VAL A 287 20.59 -8.94 -2.67
CA VAL A 287 19.97 -9.48 -3.88
C VAL A 287 20.21 -10.99 -4.13
N SER A 288 20.04 -11.76 -3.05
CA SER A 288 20.24 -13.19 -3.03
C SER A 288 19.13 -13.96 -3.78
N PRO A 289 19.35 -15.25 -4.04
CA PRO A 289 18.37 -15.92 -4.90
C PRO A 289 17.03 -16.00 -4.32
N GLU A 290 16.88 -16.18 -3.02
CA GLU A 290 15.47 -16.18 -2.39
C GLU A 290 14.79 -14.81 -2.57
N ALA A 291 15.55 -13.73 -2.43
CA ALA A 291 14.98 -12.36 -2.66
C ALA A 291 14.47 -12.15 -4.09
N ILE A 292 15.29 -12.61 -5.06
CA ILE A 292 14.92 -12.47 -6.42
CA ILE A 292 15.04 -12.58 -6.46
C ILE A 292 13.75 -13.39 -6.74
N ASP A 293 13.75 -14.62 -6.22
CA ASP A 293 12.59 -15.51 -6.56
C ASP A 293 11.33 -14.88 -6.00
N PHE A 294 11.38 -14.39 -4.76
CA PHE A 294 10.22 -13.71 -4.17
C PHE A 294 9.77 -12.48 -4.97
N LEU A 295 10.74 -11.61 -5.25
CA LEU A 295 10.41 -10.38 -6.13
C LEU A 295 9.77 -10.80 -7.45
N ASP A 296 10.25 -11.89 -8.09
CA ASP A 296 9.88 -12.19 -9.45
C ASP A 296 8.41 -12.67 -9.33
N LYS A 297 8.05 -13.17 -8.17
CA LYS A 297 6.60 -13.75 -8.03
C LYS A 297 5.62 -12.65 -7.62
N LEU A 298 6.11 -11.44 -7.28
CA LEU A 298 5.24 -10.25 -7.09
C LEU A 298 5.12 -9.36 -8.35
N LEU A 299 6.24 -9.07 -9.01
CA LEU A 299 6.29 -8.16 -10.19
C LEU A 299 5.96 -8.94 -11.45
N ARG A 300 4.66 -9.29 -11.58
CA ARG A 300 4.14 -10.01 -12.79
C ARG A 300 3.03 -9.17 -13.43
N TYR A 301 3.06 -9.01 -14.75
CA TYR A 301 2.11 -8.15 -15.45
C TYR A 301 0.73 -8.66 -15.03
N ASP A 302 0.63 -9.98 -15.00
CA ASP A 302 -0.75 -10.59 -14.80
C ASP A 302 -1.09 -10.64 -13.28
N HIS A 303 -2.04 -9.80 -12.90
CA HIS A 303 -2.48 -9.70 -11.51
C HIS A 303 -2.90 -11.05 -10.90
N GLN A 304 -3.52 -11.96 -11.71
CA GLN A 304 -3.90 -13.24 -11.20
C GLN A 304 -2.82 -14.19 -10.92
N GLU A 305 -1.61 -13.92 -11.43
CA GLU A 305 -0.44 -14.78 -11.29
C GLU A 305 0.45 -14.42 -10.08
N ARG A 306 0.24 -13.20 -9.52
CA ARG A 306 1.05 -12.69 -8.39
C ARG A 306 0.74 -13.52 -7.16
N LEU A 307 1.70 -13.59 -6.26
CA LEU A 307 1.47 -14.22 -4.95
C LEU A 307 0.36 -13.43 -4.22
N THR A 308 -0.49 -14.18 -3.48
CA THR A 308 -1.30 -13.58 -2.43
C THR A 308 -0.47 -13.20 -1.20
N ALA A 309 -0.99 -12.26 -0.38
CA ALA A 309 -0.21 -11.91 0.86
C ALA A 309 0.03 -13.17 1.75
N LEU A 310 -1.00 -14.01 1.88
CA LEU A 310 -0.85 -15.26 2.65
C LEU A 310 0.22 -16.20 2.08
N GLU A 311 0.30 -16.39 0.76
CA GLU A 311 1.26 -17.31 0.12
C GLU A 311 2.64 -16.62 0.31
N ALA A 312 2.65 -15.31 0.22
CA ALA A 312 4.00 -14.59 0.35
C ALA A 312 4.64 -14.79 1.66
N MET A 313 3.82 -14.79 2.70
CA MET A 313 4.31 -14.97 4.07
C MET A 313 4.99 -16.34 4.24
N THR A 314 4.57 -17.32 3.46
CA THR A 314 5.15 -18.72 3.53
C THR A 314 6.42 -18.96 2.62
N HIS A 315 6.91 -17.92 1.91
CA HIS A 315 7.92 -18.07 0.88
C HIS A 315 9.22 -18.23 1.69
N PRO A 316 10.13 -19.10 1.17
CA PRO A 316 11.35 -19.46 1.91
C PRO A 316 12.21 -18.24 2.21
N TYR A 317 12.05 -17.17 1.44
CA TYR A 317 12.69 -15.86 1.81
C TYR A 317 12.49 -15.43 3.28
N PHE A 318 11.35 -15.71 3.88
CA PHE A 318 11.01 -15.34 5.26
C PHE A 318 11.24 -16.39 6.36
N GLN A 319 11.85 -17.50 5.99
CA GLN A 319 11.85 -18.56 6.95
C GLN A 319 12.42 -18.21 8.30
N GLN A 320 13.52 -17.43 8.34
CA GLN A 320 14.10 -17.08 9.66
C GLN A 320 13.21 -16.11 10.51
N VAL A 321 12.49 -15.20 9.84
CA VAL A 321 11.49 -14.37 10.46
C VAL A 321 10.41 -15.25 11.09
N ARG A 322 9.96 -16.30 10.36
CA ARG A 322 8.95 -17.17 10.92
C ARG A 322 9.51 -17.96 12.12
N ALA A 323 10.81 -18.29 12.08
CA ALA A 323 11.39 -19.18 13.09
C ALA A 323 11.40 -18.38 14.39
N ALA A 324 11.84 -17.12 14.29
CA ALA A 324 11.93 -16.24 15.44
C ALA A 324 10.56 -15.99 16.08
N GLU A 325 9.52 -15.88 15.25
CA GLU A 325 8.17 -15.85 15.77
C GLU A 325 7.73 -17.12 16.45
N ASN A 326 8.04 -18.26 15.85
CA ASN A 326 7.75 -19.54 16.47
C ASN A 326 8.50 -19.80 17.81
N SER A 327 9.28 -18.81 18.25
CA SER A 327 9.95 -18.87 19.54
C SER A 327 9.19 -18.00 20.54
#